data_7UQ3
#
_entry.id   7UQ3
#
_cell.length_a   49.479
_cell.length_b   64.690
_cell.length_c   78.230
_cell.angle_alpha   90.000
_cell.angle_beta   90.000
_cell.angle_gamma   90.000
#
_symmetry.space_group_name_H-M   'P 21 21 21'
#
loop_
_entity.id
_entity.type
_entity.pdbx_description
1 polymer 'Bifunctional peptidase and arginyl-hydroxylase JMJD5'
2 non-polymer 'MANGANESE (II) ION'
3 non-polymer '[(3S)-1-hydroxy-2,5-dioxopyrrolidin-3-yl]acetic acid'
4 non-polymer GLYCEROL
5 water water
#
_entity_poly.entity_id   1
_entity_poly.type   'polypeptide(L)'
_entity_poly.pdbx_seq_one_letter_code
;MHHHHHHSSGVDLGTENLYFQSTVPRLHRPSLQHFREQFLVPGRPVILKGVADHWPCMQKWSLEYIQEIAGCRTVPVEVG
SRYTDEEWSQTLMTVNEFISKYIVNEPRDVGYLAQHQLFDQIPELKQDISIPDYCSLGDGEEEEITINAWFGPQGTISPL
HQDPQQNFLVQVMGRKYIRLYSPQESGALYPHDTHLLHNTSQVDVENPDLEKFPKFAKAPFLSCILSPGEILFIPVKYWH
YVRALDLSFSVSFWWS
;
_entity_poly.pdbx_strand_id   A
#
loop_
_chem_comp.id
_chem_comp.type
_chem_comp.name
_chem_comp.formula
GOL non-polymer GLYCEROL 'C3 H8 O3'
MN non-polymer 'MANGANESE (II) ION' 'Mn 2'
O2U non-polymer '[(3S)-1-hydroxy-2,5-dioxopyrrolidin-3-yl]acetic acid' 'C6 H7 N O5'
#
# COMPACT_ATOMS: atom_id res chain seq x y z
N SER A 22 9.91 -18.22 -1.65
CA SER A 22 8.74 -17.42 -1.99
C SER A 22 8.41 -16.39 -0.91
N THR A 23 9.35 -16.14 -0.01
CA THR A 23 9.19 -15.08 0.98
C THR A 23 9.94 -13.85 0.49
N VAL A 24 9.42 -12.68 0.82
CA VAL A 24 10.17 -11.46 0.49
C VAL A 24 11.33 -11.31 1.46
N PRO A 25 12.55 -11.08 1.00
CA PRO A 25 13.67 -10.97 1.95
C PRO A 25 13.59 -9.71 2.78
N ARG A 26 14.08 -9.79 4.01
CA ARG A 26 14.15 -8.65 4.93
C ARG A 26 15.61 -8.30 5.15
N LEU A 27 15.95 -7.03 4.89
CA LEU A 27 17.32 -6.52 5.05
C LEU A 27 17.31 -5.35 6.05
N HIS A 28 18.28 -5.33 6.94
CA HIS A 28 18.42 -4.22 7.88
C HIS A 28 19.30 -3.12 7.27
N ARG A 29 18.71 -1.95 7.05
CA ARG A 29 19.40 -0.74 6.60
C ARG A 29 20.48 -1.05 5.56
N PRO A 30 20.10 -1.65 4.43
CA PRO A 30 21.12 -1.89 3.40
C PRO A 30 21.67 -0.57 2.86
N SER A 31 22.93 -0.60 2.42
CA SER A 31 23.53 0.54 1.76
C SER A 31 22.70 0.97 0.54
N LEU A 32 22.84 2.23 0.17
CA LEU A 32 22.24 2.69 -1.08
C LEU A 32 22.74 1.85 -2.25
N GLN A 33 24.03 1.57 -2.33
CA GLN A 33 24.58 0.80 -3.46
C GLN A 33 24.01 -0.62 -3.44
N HIS A 34 23.94 -1.26 -2.30
CA HIS A 34 23.42 -2.62 -2.25
C HIS A 34 21.95 -2.65 -2.67
N PHE A 35 21.16 -1.70 -2.18
CA PHE A 35 19.77 -1.63 -2.60
C PHE A 35 19.68 -1.40 -4.10
N ARG A 36 20.49 -0.47 -4.63
CA ARG A 36 20.44 -0.14 -6.06
C ARG A 36 20.78 -1.36 -6.89
N GLU A 37 21.91 -2.01 -6.58
CA GLU A 37 22.42 -3.06 -7.44
C GLU A 37 21.62 -4.35 -7.31
N GLN A 38 21.15 -4.69 -6.11
CA GLN A 38 20.50 -5.99 -5.91
C GLN A 38 18.98 -5.95 -5.97
N PHE A 39 18.35 -4.77 -5.91
CA PHE A 39 16.90 -4.68 -5.84
C PHE A 39 16.33 -3.67 -6.82
N LEU A 40 16.83 -2.44 -6.83
CA LEU A 40 16.22 -1.42 -7.68
C LEU A 40 16.45 -1.70 -9.16
N VAL A 41 17.71 -1.89 -9.55
CA VAL A 41 17.99 -2.12 -10.97
C VAL A 41 17.37 -3.41 -11.49
N PRO A 42 17.51 -4.56 -10.81
CA PRO A 42 16.86 -5.79 -11.31
C PRO A 42 15.35 -5.82 -11.10
N GLY A 43 14.80 -4.96 -10.26
CA GLY A 43 13.37 -4.94 -10.03
C GLY A 43 12.91 -6.09 -9.14
N ARG A 44 13.59 -6.29 -8.00
CA ARG A 44 13.27 -7.38 -7.06
C ARG A 44 12.72 -6.81 -5.78
N PRO A 45 11.62 -7.33 -5.24
CA PRO A 45 11.08 -6.79 -3.99
C PRO A 45 11.98 -7.11 -2.79
N VAL A 46 11.85 -6.27 -1.76
CA VAL A 46 12.59 -6.45 -0.51
C VAL A 46 11.83 -5.69 0.57
N ILE A 47 11.96 -6.14 1.82
CA ILE A 47 11.50 -5.41 3.00
C ILE A 47 12.72 -4.79 3.70
N LEU A 48 12.66 -3.48 3.90
CA LEU A 48 13.70 -2.73 4.59
C LEU A 48 13.31 -2.58 6.06
N LYS A 49 14.18 -3.09 6.94
CA LYS A 49 14.05 -3.01 8.38
C LYS A 49 15.00 -1.97 8.93
N GLY A 50 14.64 -1.39 10.07
CA GLY A 50 15.51 -0.42 10.73
C GLY A 50 15.60 0.93 10.07
N VAL A 51 14.70 1.23 9.15
CA VAL A 51 14.68 2.47 8.41
C VAL A 51 13.60 3.40 8.92
N ALA A 52 12.35 2.93 8.92
CA ALA A 52 11.22 3.70 9.38
C ALA A 52 10.75 3.34 10.78
N ASP A 53 11.42 2.40 11.45
CA ASP A 53 10.90 1.87 12.71
C ASP A 53 10.84 2.92 13.82
N HIS A 54 11.64 3.98 13.75
CA HIS A 54 11.61 5.03 14.76
C HIS A 54 11.09 6.36 14.22
N TRP A 55 10.42 6.36 13.07
CA TRP A 55 9.72 7.57 12.67
C TRP A 55 8.67 7.91 13.74
N PRO A 56 8.39 9.20 13.96
CA PRO A 56 7.40 9.55 15.01
C PRO A 56 6.04 8.90 14.83
N CYS A 57 5.61 8.71 13.57
CA CYS A 57 4.29 8.13 13.33
C CYS A 57 4.13 6.80 14.06
N MET A 58 5.22 6.05 14.20
CA MET A 58 5.14 4.69 14.71
C MET A 58 4.65 4.67 16.14
N GLN A 59 4.97 5.70 16.91
CA GLN A 59 4.44 5.77 18.27
C GLN A 59 3.30 6.76 18.39
N LYS A 60 3.18 7.74 17.49
CA LYS A 60 2.25 8.83 17.78
C LYS A 60 0.85 8.57 17.25
N TRP A 61 0.72 7.79 16.18
CA TRP A 61 -0.55 7.71 15.44
C TRP A 61 -1.53 6.71 16.04
N SER A 62 -2.01 7.06 17.22
CA SER A 62 -3.21 6.44 17.80
C SER A 62 -4.45 6.90 17.03
N LEU A 63 -5.54 6.11 17.14
CA LEU A 63 -6.82 6.59 16.65
C LEU A 63 -7.15 7.95 17.24
N GLU A 64 -6.87 8.13 18.53
CA GLU A 64 -7.20 9.39 19.17
C GLU A 64 -6.36 10.52 18.59
N TYR A 65 -5.09 10.25 18.31
CA TYR A 65 -4.25 11.29 17.71
C TYR A 65 -4.73 11.63 16.31
N ILE A 66 -5.07 10.61 15.52
CA ILE A 66 -5.59 10.86 14.17
C ILE A 66 -6.85 11.71 14.25
N GLN A 67 -7.77 11.39 15.17
CA GLN A 67 -8.98 12.21 15.32
C GLN A 67 -8.65 13.64 15.73
N GLU A 68 -7.70 13.81 16.65
CA GLU A 68 -7.37 15.15 17.11
C GLU A 68 -6.79 16.00 15.98
N ILE A 69 -5.91 15.41 15.17
CA ILE A 69 -5.20 16.20 14.16
C ILE A 69 -6.00 16.34 12.86
N ALA A 70 -6.79 15.32 12.50
CA ALA A 70 -7.41 15.24 11.19
C ALA A 70 -8.92 15.06 11.21
N GLY A 71 -9.55 14.94 12.39
CA GLY A 71 -10.93 14.49 12.47
C GLY A 71 -11.91 15.31 11.66
N CYS A 72 -11.72 16.63 11.63
N CYS A 72 -11.71 16.63 11.62
CA CYS A 72 -12.68 17.49 10.94
CA CYS A 72 -12.66 17.51 10.96
C CYS A 72 -12.43 17.64 9.45
C CYS A 72 -12.42 17.66 9.46
N ARG A 73 -11.38 17.06 8.92
CA ARG A 73 -11.06 17.22 7.51
C ARG A 73 -11.81 16.21 6.65
N THR A 74 -12.11 16.61 5.41
CA THR A 74 -12.83 15.75 4.47
C THR A 74 -11.85 14.84 3.75
N VAL A 75 -12.21 13.57 3.65
CA VAL A 75 -11.39 12.59 2.95
C VAL A 75 -12.24 11.73 2.04
N PRO A 76 -11.67 11.25 0.93
CA PRO A 76 -12.35 10.30 0.06
C PRO A 76 -12.28 8.91 0.66
N VAL A 77 -13.40 8.20 0.56
CA VAL A 77 -13.55 6.88 1.15
C VAL A 77 -14.13 5.96 0.09
N GLU A 78 -13.47 4.84 -0.15
CA GLU A 78 -13.99 3.80 -1.04
C GLU A 78 -14.81 2.82 -0.21
N VAL A 79 -16.07 2.62 -0.63
CA VAL A 79 -17.01 1.74 0.08
C VAL A 79 -17.23 0.50 -0.80
N GLY A 80 -16.99 -0.67 -0.21
CA GLY A 80 -17.10 -1.92 -0.96
C GLY A 80 -18.29 -2.75 -0.53
N TRP A 88 -19.43 -1.25 -5.27
CA TRP A 88 -18.27 -0.42 -4.97
C TRP A 88 -18.51 1.05 -5.36
N SER A 89 -18.26 1.98 -4.44
CA SER A 89 -18.52 3.39 -4.70
C SER A 89 -17.45 4.24 -4.02
N GLN A 90 -17.43 5.53 -4.39
CA GLN A 90 -16.51 6.50 -3.83
C GLN A 90 -17.32 7.63 -3.20
N THR A 91 -17.04 7.95 -1.94
CA THR A 91 -17.79 8.98 -1.24
C THR A 91 -16.83 9.90 -0.49
N LEU A 92 -17.39 10.90 0.19
CA LEU A 92 -16.63 11.87 0.97
C LEU A 92 -17.22 11.98 2.36
N MET A 93 -16.35 12.06 3.36
CA MET A 93 -16.83 12.30 4.73
C MET A 93 -15.66 12.82 5.55
N THR A 94 -15.95 13.30 6.76
CA THR A 94 -14.83 13.70 7.61
C THR A 94 -14.11 12.46 8.15
N VAL A 95 -12.87 12.67 8.59
CA VAL A 95 -12.12 11.58 9.23
C VAL A 95 -12.88 11.07 10.47
N ASN A 96 -13.48 11.97 11.25
CA ASN A 96 -14.26 11.52 12.40
C ASN A 96 -15.40 10.60 11.98
N GLU A 97 -16.11 10.97 10.89
CA GLU A 97 -17.18 10.13 10.40
C GLU A 97 -16.65 8.79 9.93
N PHE A 98 -15.53 8.81 9.22
CA PHE A 98 -14.94 7.57 8.73
C PHE A 98 -14.63 6.63 9.90
N ILE A 99 -14.00 7.16 10.95
CA ILE A 99 -13.66 6.31 12.09
C ILE A 99 -14.91 5.79 12.76
N SER A 100 -15.91 6.66 12.96
N SER A 100 -15.90 6.66 12.97
CA SER A 100 -17.11 6.24 13.67
CA SER A 100 -17.11 6.25 13.68
C SER A 100 -17.88 5.16 12.89
C SER A 100 -17.87 5.16 12.90
N LYS A 101 -18.00 5.31 11.57
N LYS A 101 -17.96 5.30 11.58
CA LYS A 101 -18.85 4.42 10.79
CA LYS A 101 -18.82 4.44 10.78
C LYS A 101 -18.14 3.18 10.27
C LYS A 101 -18.12 3.17 10.30
N TYR A 102 -16.85 3.27 9.96
CA TYR A 102 -16.15 2.17 9.30
C TYR A 102 -15.07 1.52 10.14
N ILE A 103 -14.71 2.07 11.28
CA ILE A 103 -13.68 1.52 12.14
C ILE A 103 -14.23 1.00 13.46
N VAL A 104 -14.87 1.86 14.23
CA VAL A 104 -15.15 1.54 15.63
C VAL A 104 -16.51 0.88 15.92
N ASN A 105 -17.57 1.22 15.20
CA ASN A 105 -18.92 0.88 15.70
C ASN A 105 -19.56 -0.30 14.97
N GLU A 106 -18.90 -1.48 15.01
CA GLU A 106 -19.34 -2.65 14.26
C GLU A 106 -19.80 -2.25 12.86
N PRO A 107 -18.87 -1.98 11.95
CA PRO A 107 -19.28 -1.42 10.66
C PRO A 107 -20.17 -2.35 9.87
N ARG A 108 -21.03 -1.75 9.04
CA ARG A 108 -21.96 -2.48 8.20
C ARG A 108 -21.35 -2.85 6.85
N ASP A 109 -20.51 -1.98 6.29
CA ASP A 109 -19.79 -2.26 5.06
C ASP A 109 -18.30 -1.99 5.28
N VAL A 110 -17.52 -2.39 4.28
CA VAL A 110 -16.09 -2.07 4.27
C VAL A 110 -15.88 -0.67 3.72
N GLY A 111 -15.17 0.15 4.45
CA GLY A 111 -14.76 1.45 3.94
C GLY A 111 -13.27 1.61 4.08
N TYR A 112 -12.66 2.28 3.11
CA TYR A 112 -11.20 2.38 3.04
C TYR A 112 -10.84 3.80 2.64
N LEU A 113 -10.10 4.49 3.50
CA LEU A 113 -9.52 5.80 3.17
C LEU A 113 -8.25 5.47 2.40
N ALA A 114 -8.40 5.32 1.08
CA ALA A 114 -7.37 4.76 0.23
C ALA A 114 -6.80 5.79 -0.73
N GLN A 115 -5.49 5.71 -0.94
CA GLN A 115 -4.80 6.45 -1.99
C GLN A 115 -5.08 7.93 -1.89
N HIS A 116 -4.87 8.49 -0.70
CA HIS A 116 -5.19 9.90 -0.50
C HIS A 116 -3.96 10.67 0.01
N GLN A 117 -3.71 11.85 -0.59
CA GLN A 117 -2.55 12.66 -0.23
C GLN A 117 -2.85 13.47 1.04
N LEU A 118 -2.94 12.72 2.14
CA LEU A 118 -3.32 13.29 3.42
C LEU A 118 -2.28 14.23 3.98
N PHE A 119 -1.01 14.05 3.58
CA PHE A 119 0.10 14.82 4.15
C PHE A 119 0.24 16.16 3.47
N ASP A 120 -0.20 16.26 2.21
N ASP A 120 -0.21 16.27 2.22
CA ASP A 120 -0.33 17.58 1.58
CA ASP A 120 -0.33 17.58 1.59
C ASP A 120 -1.49 18.34 2.21
C ASP A 120 -1.51 18.35 2.15
N GLN A 121 -2.59 17.63 2.50
CA GLN A 121 -3.77 18.26 3.10
C GLN A 121 -3.52 18.71 4.53
N ILE A 122 -2.76 17.92 5.28
CA ILE A 122 -2.53 18.16 6.71
C ILE A 122 -1.02 18.19 6.95
N PRO A 123 -0.37 19.32 6.69
CA PRO A 123 1.09 19.36 6.77
C PRO A 123 1.64 18.99 8.13
N GLU A 124 0.88 19.18 9.21
CA GLU A 124 1.41 18.81 10.52
C GLU A 124 1.78 17.33 10.56
N LEU A 125 0.98 16.47 9.91
CA LEU A 125 1.26 15.04 9.91
C LEU A 125 2.53 14.72 9.13
N LYS A 126 2.92 15.54 8.19
CA LYS A 126 4.16 15.34 7.40
C LYS A 126 5.36 15.37 8.34
N GLN A 127 5.21 15.98 9.48
CA GLN A 127 6.32 16.00 10.43
C GLN A 127 6.64 14.63 11.00
N ASP A 128 5.71 13.68 10.92
CA ASP A 128 5.85 12.38 11.58
C ASP A 128 6.41 11.30 10.66
N ILE A 129 6.74 11.66 9.42
CA ILE A 129 7.29 10.74 8.44
C ILE A 129 8.50 11.40 7.77
N SER A 130 9.19 10.63 6.93
CA SER A 130 10.32 11.12 6.16
C SER A 130 10.26 10.49 4.78
N ILE A 131 10.92 11.10 3.79
CA ILE A 131 11.12 10.46 2.50
C ILE A 131 12.31 9.52 2.64
N PRO A 132 12.15 8.22 2.32
CA PRO A 132 13.30 7.31 2.42
C PRO A 132 14.48 7.78 1.58
N ASP A 133 15.69 7.68 2.17
CA ASP A 133 16.89 8.11 1.46
C ASP A 133 17.05 7.38 0.13
N TYR A 134 16.56 6.15 0.03
CA TYR A 134 16.71 5.34 -1.16
C TYR A 134 16.04 5.98 -2.38
N CYS A 135 15.04 6.83 -2.17
CA CYS A 135 14.41 7.50 -3.29
C CYS A 135 15.39 8.36 -4.07
N SER A 136 16.49 8.80 -3.43
CA SER A 136 17.53 9.59 -4.10
C SER A 136 18.21 8.82 -5.22
N LEU A 137 18.01 7.51 -5.28
CA LEU A 137 18.58 6.71 -6.35
C LEU A 137 17.77 6.81 -7.64
N GLY A 138 16.57 7.39 -7.58
CA GLY A 138 15.72 7.50 -8.75
C GLY A 138 16.18 8.60 -9.69
N ASP A 139 15.48 8.66 -10.83
CA ASP A 139 15.71 9.70 -11.83
C ASP A 139 14.79 10.89 -11.68
N GLY A 140 13.72 10.77 -10.88
CA GLY A 140 12.78 11.86 -10.72
C GLY A 140 13.18 12.85 -9.64
N GLU A 141 12.40 13.93 -9.55
CA GLU A 141 12.61 14.98 -8.57
C GLU A 141 11.87 14.64 -7.28
N GLU A 142 12.47 15.03 -6.15
CA GLU A 142 11.81 14.79 -4.87
C GLU A 142 10.45 15.48 -4.82
N GLU A 143 10.35 16.68 -5.41
CA GLU A 143 9.09 17.41 -5.39
C GLU A 143 7.95 16.65 -6.04
N GLU A 144 8.27 15.67 -6.89
CA GLU A 144 7.25 14.92 -7.59
C GLU A 144 6.91 13.58 -6.95
N ILE A 145 7.53 13.24 -5.82
CA ILE A 145 7.17 12.00 -5.11
C ILE A 145 5.76 12.16 -4.56
N THR A 146 4.92 11.15 -4.78
CA THR A 146 3.54 11.17 -4.29
C THR A 146 3.46 10.36 -3.01
N ILE A 147 3.00 10.99 -1.93
CA ILE A 147 2.87 10.33 -0.64
C ILE A 147 1.37 10.13 -0.36
N ASN A 148 0.95 8.88 -0.28
CA ASN A 148 -0.45 8.54 -0.05
C ASN A 148 -0.63 7.84 1.29
N ALA A 149 -1.76 8.11 1.93
CA ALA A 149 -2.23 7.39 3.10
C ALA A 149 -3.21 6.31 2.69
N TRP A 150 -3.17 5.21 3.46
CA TRP A 150 -4.06 4.06 3.30
C TRP A 150 -4.49 3.66 4.71
N PHE A 151 -5.72 4.02 5.09
CA PHE A 151 -6.20 3.88 6.46
C PHE A 151 -7.55 3.18 6.42
N GLY A 152 -7.63 2.03 7.07
CA GLY A 152 -8.86 1.27 7.04
C GLY A 152 -8.91 0.15 8.04
N PRO A 153 -10.09 -0.47 8.15
CA PRO A 153 -10.26 -1.58 9.07
C PRO A 153 -9.60 -2.86 8.56
N GLN A 154 -9.60 -3.82 9.45
CA GLN A 154 -9.26 -5.18 9.09
C GLN A 154 -10.15 -5.57 7.90
N GLY A 155 -9.57 -6.25 6.92
CA GLY A 155 -10.37 -6.79 5.84
C GLY A 155 -10.42 -6.00 4.56
N THR A 156 -9.81 -4.80 4.51
CA THR A 156 -9.72 -4.12 3.22
C THR A 156 -8.89 -4.97 2.26
N ILE A 157 -9.29 -4.99 1.00
CA ILE A 157 -8.60 -5.74 -0.04
C ILE A 157 -8.35 -4.82 -1.22
N SER A 158 -7.11 -4.75 -1.66
CA SER A 158 -6.76 -4.12 -2.92
C SER A 158 -6.44 -5.23 -3.92
N PRO A 159 -7.29 -5.43 -4.92
CA PRO A 159 -7.09 -6.52 -5.86
C PRO A 159 -5.78 -6.38 -6.64
N LEU A 160 -5.36 -7.50 -7.24
CA LEU A 160 -4.08 -7.59 -7.91
C LEU A 160 -3.98 -6.59 -9.06
N HIS A 161 -2.94 -5.76 -9.03
CA HIS A 161 -2.76 -4.73 -10.03
C HIS A 161 -1.28 -4.33 -10.02
N GLN A 162 -0.89 -3.51 -11.01
CA GLN A 162 0.47 -3.00 -11.13
C GLN A 162 0.40 -1.49 -11.33
N ASP A 163 1.43 -0.80 -10.87
CA ASP A 163 1.53 0.65 -10.92
C ASP A 163 2.73 1.10 -11.76
N PRO A 164 2.71 2.33 -12.26
CA PRO A 164 3.74 2.79 -13.21
C PRO A 164 4.95 3.48 -12.58
N GLN A 165 5.13 3.39 -11.26
CA GLN A 165 6.26 3.97 -10.57
C GLN A 165 6.75 2.98 -9.53
N GLN A 166 7.97 3.20 -9.04
CA GLN A 166 8.45 2.47 -7.88
C GLN A 166 7.63 2.86 -6.66
N ASN A 167 7.64 2.00 -5.63
CA ASN A 167 6.86 2.29 -4.41
C ASN A 167 7.61 1.79 -3.19
N PHE A 168 7.70 2.64 -2.18
CA PHE A 168 8.00 2.21 -0.82
C PHE A 168 6.72 2.29 0.00
N LEU A 169 6.24 1.14 0.46
CA LEU A 169 5.03 1.03 1.27
C LEU A 169 5.45 0.84 2.73
N VAL A 170 5.18 1.86 3.57
CA VAL A 170 5.58 1.88 4.98
C VAL A 170 4.39 1.50 5.82
N GLN A 171 4.52 0.45 6.63
CA GLN A 171 3.43 0.02 7.51
C GLN A 171 3.57 0.70 8.86
N VAL A 172 2.51 1.37 9.33
CA VAL A 172 2.54 2.12 10.58
C VAL A 172 1.71 1.44 11.68
N MET A 173 0.48 1.05 11.35
CA MET A 173 -0.44 0.42 12.28
C MET A 173 -0.96 -0.86 11.65
N GLY A 174 -0.99 -1.94 12.42
CA GLY A 174 -1.54 -3.20 11.93
C GLY A 174 -0.64 -3.89 10.92
N ARG A 175 -1.12 -5.03 10.42
CA ARG A 175 -0.40 -5.87 9.48
C ARG A 175 -1.17 -6.06 8.19
N LYS A 176 -0.43 -6.30 7.09
CA LYS A 176 -1.04 -6.57 5.81
C LYS A 176 -0.42 -7.82 5.19
N TYR A 177 -1.28 -8.69 4.64
CA TYR A 177 -0.83 -9.81 3.80
C TYR A 177 -0.70 -9.30 2.37
N ILE A 178 0.45 -9.55 1.77
CA ILE A 178 0.78 -9.00 0.47
C ILE A 178 1.32 -10.11 -0.41
N ARG A 179 0.76 -10.22 -1.62
CA ARG A 179 1.19 -11.16 -2.64
C ARG A 179 1.73 -10.37 -3.82
N LEU A 180 2.88 -10.81 -4.36
CA LEU A 180 3.61 -10.11 -5.41
C LEU A 180 3.93 -11.06 -6.57
N TYR A 181 3.54 -10.65 -7.77
CA TYR A 181 3.82 -11.41 -8.99
C TYR A 181 4.65 -10.54 -9.94
N SER A 182 5.72 -11.13 -10.48
CA SER A 182 6.60 -10.41 -11.38
C SER A 182 5.87 -9.97 -12.65
N PRO A 183 6.29 -8.86 -13.25
CA PRO A 183 5.75 -8.50 -14.57
C PRO A 183 5.93 -9.62 -15.60
N GLN A 184 6.95 -10.46 -15.43
CA GLN A 184 7.17 -11.58 -16.33
C GLN A 184 6.00 -12.57 -16.31
N GLU A 185 5.16 -12.54 -15.27
CA GLU A 185 4.04 -13.46 -15.15
C GLU A 185 2.72 -12.88 -15.63
N SER A 186 2.74 -11.73 -16.31
CA SER A 186 1.48 -11.03 -16.60
C SER A 186 0.49 -11.91 -17.38
N GLY A 187 1.01 -12.74 -18.30
CA GLY A 187 0.11 -13.60 -19.06
C GLY A 187 -0.77 -14.48 -18.20
N ALA A 188 -0.24 -14.95 -17.09
CA ALA A 188 -0.97 -15.85 -16.21
C ALA A 188 -1.92 -15.11 -15.28
N LEU A 189 -1.95 -13.78 -15.34
CA LEU A 189 -2.76 -12.96 -14.44
C LEU A 189 -3.98 -12.38 -15.13
N TYR A 190 -4.12 -12.60 -16.43
CA TYR A 190 -5.32 -12.23 -17.18
C TYR A 190 -5.73 -10.80 -16.93
N PRO A 191 -4.92 -9.83 -17.36
CA PRO A 191 -5.33 -8.44 -17.22
C PRO A 191 -6.64 -8.18 -17.93
N HIS A 192 -7.41 -7.24 -17.38
CA HIS A 192 -8.59 -6.76 -18.07
C HIS A 192 -8.20 -6.15 -19.41
N ASP A 193 -9.11 -6.29 -20.40
CA ASP A 193 -8.81 -5.80 -21.75
C ASP A 193 -8.96 -4.30 -21.88
N THR A 194 -9.86 -3.69 -21.12
CA THR A 194 -10.08 -2.26 -21.25
C THR A 194 -8.78 -1.51 -20.98
N HIS A 195 -8.51 -0.46 -21.76
CA HIS A 195 -7.33 0.35 -21.46
C HIS A 195 -7.39 0.84 -20.02
N LEU A 196 -8.59 1.20 -19.56
CA LEU A 196 -8.75 1.75 -18.22
C LEU A 196 -8.32 0.74 -17.15
N LEU A 197 -8.59 -0.53 -17.38
CA LEU A 197 -8.32 -1.56 -16.38
C LEU A 197 -7.18 -2.49 -16.77
N HIS A 198 -6.39 -2.13 -17.79
N HIS A 198 -6.39 -2.13 -17.80
CA HIS A 198 -5.37 -3.05 -18.28
CA HIS A 198 -5.36 -3.05 -18.29
C HIS A 198 -4.28 -3.30 -17.25
C HIS A 198 -4.26 -3.30 -17.26
N ASN A 199 -4.17 -2.46 -16.23
CA ASN A 199 -3.20 -2.65 -15.16
C ASN A 199 -3.75 -3.44 -13.99
N THR A 200 -4.93 -4.05 -14.16
CA THR A 200 -5.60 -4.79 -13.09
C THR A 200 -5.91 -6.20 -13.57
N SER A 201 -5.71 -7.17 -12.69
CA SER A 201 -5.98 -8.57 -13.00
C SER A 201 -7.46 -8.88 -12.88
N GLN A 202 -7.93 -9.80 -13.71
CA GLN A 202 -9.28 -10.31 -13.56
C GLN A 202 -9.43 -11.34 -12.44
N VAL A 203 -8.33 -11.80 -11.85
CA VAL A 203 -8.34 -12.92 -10.93
C VAL A 203 -8.48 -12.42 -9.49
N ASP A 204 -9.29 -13.12 -8.70
CA ASP A 204 -9.30 -12.94 -7.24
C ASP A 204 -8.21 -13.82 -6.64
N VAL A 205 -7.12 -13.18 -6.21
CA VAL A 205 -5.92 -13.91 -5.80
C VAL A 205 -6.22 -15.00 -4.80
N GLU A 206 -7.03 -14.71 -3.79
CA GLU A 206 -7.21 -15.67 -2.70
C GLU A 206 -8.34 -16.67 -2.93
N ASN A 207 -9.08 -16.53 -4.03
CA ASN A 207 -10.10 -17.51 -4.40
C ASN A 207 -10.22 -17.52 -5.91
N PRO A 208 -9.18 -17.97 -6.60
CA PRO A 208 -9.15 -17.83 -8.06
C PRO A 208 -10.10 -18.80 -8.75
N ASP A 209 -10.72 -18.34 -9.82
CA ASP A 209 -11.54 -19.23 -10.65
C ASP A 209 -10.61 -19.94 -11.62
N LEU A 210 -10.18 -21.15 -11.26
CA LEU A 210 -9.21 -21.86 -12.08
C LEU A 210 -9.85 -22.49 -13.31
N GLU A 211 -11.17 -22.58 -13.37
N GLU A 211 -11.18 -22.57 -13.37
CA GLU A 211 -11.82 -23.03 -14.60
CA GLU A 211 -11.83 -23.03 -14.58
C GLU A 211 -11.72 -21.95 -15.67
C GLU A 211 -11.76 -21.95 -15.66
N LYS A 212 -11.87 -20.69 -15.27
CA LYS A 212 -11.76 -19.57 -16.20
C LYS A 212 -10.31 -19.11 -16.40
N PHE A 213 -9.49 -19.21 -15.35
CA PHE A 213 -8.13 -18.64 -15.33
C PHE A 213 -7.11 -19.70 -14.96
N PRO A 214 -7.04 -20.79 -15.73
CA PRO A 214 -6.20 -21.93 -15.29
C PRO A 214 -4.72 -21.62 -15.18
N LYS A 215 -4.21 -20.69 -15.97
CA LYS A 215 -2.77 -20.41 -15.90
C LYS A 215 -2.38 -19.77 -14.58
N PHE A 216 -3.34 -19.22 -13.83
CA PHE A 216 -2.99 -18.53 -12.60
C PHE A 216 -2.37 -19.48 -11.56
N ALA A 217 -2.84 -20.73 -11.53
CA ALA A 217 -2.49 -21.62 -10.42
C ALA A 217 -1.00 -21.88 -10.35
N LYS A 218 -0.34 -22.01 -11.50
CA LYS A 218 1.09 -22.32 -11.54
C LYS A 218 1.98 -21.09 -11.53
N ALA A 219 1.43 -19.88 -11.55
CA ALA A 219 2.28 -18.70 -11.60
C ALA A 219 3.02 -18.54 -10.27
N PRO A 220 4.35 -18.39 -10.30
CA PRO A 220 5.09 -18.20 -9.05
C PRO A 220 4.92 -16.79 -8.50
N PHE A 221 5.10 -16.69 -7.19
CA PHE A 221 4.93 -15.42 -6.51
C PHE A 221 5.78 -15.36 -5.25
N LEU A 222 5.88 -14.16 -4.70
CA LEU A 222 6.40 -13.89 -3.37
C LEU A 222 5.26 -13.43 -2.48
N SER A 223 5.40 -13.63 -1.18
CA SER A 223 4.42 -13.09 -0.27
C SER A 223 5.06 -12.71 1.05
N CYS A 224 4.33 -11.90 1.81
CA CYS A 224 4.78 -11.51 3.13
C CYS A 224 3.61 -11.04 3.96
N ILE A 225 3.85 -10.98 5.28
CA ILE A 225 3.04 -10.17 6.18
C ILE A 225 3.88 -8.97 6.57
N LEU A 226 3.41 -7.78 6.17
CA LEU A 226 4.12 -6.54 6.45
C LEU A 226 3.61 -6.00 7.78
N SER A 227 4.53 -5.79 8.72
CA SER A 227 4.22 -5.37 10.07
C SER A 227 4.68 -3.94 10.34
N PRO A 228 4.20 -3.33 11.43
CA PRO A 228 4.58 -1.94 11.73
C PRO A 228 6.09 -1.75 11.78
N GLY A 229 6.53 -0.63 11.19
CA GLY A 229 7.92 -0.24 11.15
C GLY A 229 8.69 -0.78 9.98
N GLU A 230 8.08 -1.66 9.18
CA GLU A 230 8.71 -2.24 8.00
C GLU A 230 8.34 -1.47 6.73
N ILE A 231 9.23 -1.49 5.76
CA ILE A 231 8.99 -0.86 4.45
C ILE A 231 9.08 -1.95 3.38
N LEU A 232 8.04 -2.09 2.58
CA LEU A 232 8.10 -2.98 1.41
C LEU A 232 8.43 -2.16 0.16
N PHE A 233 9.46 -2.57 -0.55
CA PHE A 233 9.77 -2.05 -1.87
C PHE A 233 9.01 -2.87 -2.90
N ILE A 234 8.11 -2.21 -3.63
CA ILE A 234 7.37 -2.81 -4.74
C ILE A 234 7.93 -2.21 -6.03
N PRO A 235 8.73 -2.98 -6.78
CA PRO A 235 9.35 -2.45 -7.99
C PRO A 235 8.28 -1.98 -8.98
N VAL A 236 8.65 -0.99 -9.79
CA VAL A 236 7.77 -0.52 -10.85
C VAL A 236 7.23 -1.69 -11.66
N LYS A 237 5.91 -1.67 -11.85
CA LYS A 237 5.12 -2.64 -12.59
C LYS A 237 5.01 -4.03 -11.96
N TYR A 238 5.57 -4.25 -10.77
CA TYR A 238 5.32 -5.51 -10.07
C TYR A 238 3.85 -5.59 -9.68
N TRP A 239 3.23 -6.72 -9.97
CA TRP A 239 1.83 -6.90 -9.60
C TRP A 239 1.75 -7.15 -8.10
N HIS A 240 0.78 -6.50 -7.43
CA HIS A 240 0.63 -6.65 -5.99
C HIS A 240 -0.85 -6.70 -5.60
N TYR A 241 -1.10 -7.49 -4.57
CA TYR A 241 -2.41 -7.72 -3.95
C TYR A 241 -2.22 -7.58 -2.45
N VAL A 242 -3.16 -6.90 -1.77
CA VAL A 242 -2.99 -6.54 -0.37
C VAL A 242 -4.28 -6.72 0.41
N ARG A 243 -4.22 -7.44 1.52
CA ARG A 243 -5.34 -7.57 2.45
C ARG A 243 -4.92 -7.16 3.86
N ALA A 244 -5.64 -6.21 4.46
CA ALA A 244 -5.35 -5.82 5.83
C ALA A 244 -5.83 -6.90 6.81
N LEU A 245 -4.94 -7.28 7.74
CA LEU A 245 -5.22 -8.29 8.74
C LEU A 245 -5.72 -7.72 10.05
N ASP A 246 -5.50 -6.43 10.26
CA ASP A 246 -5.92 -5.71 11.45
C ASP A 246 -6.33 -4.31 11.00
N LEU A 247 -6.89 -3.54 11.92
CA LEU A 247 -6.96 -2.10 11.72
C LEU A 247 -5.58 -1.61 11.28
N SER A 248 -5.54 -0.88 10.16
CA SER A 248 -4.28 -0.67 9.46
C SER A 248 -4.12 0.76 8.97
N PHE A 249 -2.88 1.25 9.02
CA PHE A 249 -2.49 2.54 8.46
C PHE A 249 -1.14 2.33 7.79
N SER A 250 -1.09 2.58 6.48
CA SER A 250 0.13 2.52 5.69
C SER A 250 0.36 3.87 5.01
N VAL A 251 1.63 4.17 4.73
CA VAL A 251 2.03 5.37 3.99
C VAL A 251 2.88 4.91 2.81
N SER A 252 2.48 5.29 1.60
CA SER A 252 3.21 4.89 0.40
C SER A 252 3.91 6.11 -0.22
N PHE A 253 5.07 5.84 -0.80
CA PHE A 253 5.87 6.82 -1.54
C PHE A 253 6.02 6.29 -2.97
N TRP A 254 5.39 6.98 -3.91
CA TRP A 254 5.48 6.65 -5.34
C TRP A 254 6.55 7.55 -5.95
N TRP A 255 7.57 6.92 -6.54
CA TRP A 255 8.76 7.64 -6.99
C TRP A 255 9.36 6.96 -8.22
N SER A 256 10.24 7.71 -8.92
CA SER A 256 10.89 7.22 -10.14
C SER A 256 12.34 7.66 -10.13
MN MN B . -0.74 -0.15 -6.00
CAC O2U C . -1.28 -0.29 -3.11
CAD O2U C . -1.47 -0.67 -1.73
CAE O2U C . -2.84 -1.15 -1.44
CAF O2U C . -3.14 -1.43 0.03
CAI O2U C . -0.76 0.44 -0.95
CAJ O2U C . 0.06 0.99 -1.99
NAB O2U C . -0.32 0.59 -3.21
OAA O2U C . 0.18 0.97 -4.44
OAG O2U C . -4.34 -1.75 0.21
OAH O2U C . -2.28 -1.28 0.90
OAK O2U C . 0.95 1.83 -1.84
OAL O2U C . -1.79 -0.82 -4.11
HAD O2U C . -0.92 -1.54 -1.40
HAF O2U C . -3.54 -0.39 -1.78
HAE O2U C . -2.99 -2.07 -1.99
HAJ O2U C . -1.46 1.17 -0.55
HAI O2U C . -0.16 0.04 -0.14
C1 GOL D . 19.23 4.09 5.51
O1 GOL D . 18.13 4.99 5.53
C2 GOL D . 20.20 4.55 4.39
O2 GOL D . 20.53 5.89 4.48
C3 GOL D . 21.44 3.64 4.55
O3 GOL D . 22.28 3.92 3.48
H11 GOL D . 18.96 3.18 5.33
H12 GOL D . 19.71 4.07 6.35
HO1 GOL D . 18.43 5.74 5.27
H2 GOL D . 19.79 4.43 3.52
HO2 GOL D . 21.28 6.01 4.13
H31 GOL D . 21.16 2.72 4.60
H32 GOL D . 21.85 3.83 5.42
HO3 GOL D . 23.03 3.55 3.65
C1 GOL E . 14.86 -0.43 -14.26
O1 GOL E . 15.97 -1.20 -13.86
C2 GOL E . 13.68 -0.67 -13.25
O2 GOL E . 13.82 0.26 -12.18
C3 GOL E . 13.73 -2.15 -12.73
O3 GOL E . 12.37 -2.53 -12.40
H11 GOL E . 15.07 0.51 -14.29
H12 GOL E . 14.56 -0.67 -15.15
HO1 GOL E . 16.38 -0.74 -13.28
H2 GOL E . 12.83 -0.55 -13.70
HO2 GOL E . 13.70 1.04 -12.50
H31 GOL E . 14.35 -2.20 -11.99
H32 GOL E . 14.12 -2.71 -13.43
HO3 GOL E . 12.17 -2.09 -11.69
#